data_4IW2
#
_entry.id   4IW2
#
_cell.length_a   57.149
_cell.length_b   87.055
_cell.length_c   58.534
_cell.angle_alpha   90.00
_cell.angle_beta   102.57
_cell.angle_gamma   90.00
#
_symmetry.space_group_name_H-M   'P 1 21 1'
#
loop_
_entity.id
_entity.type
_entity.pdbx_description
1 polymer 'Serum albumin'
2 non-polymer D-glucose
3 non-polymer alpha-D-glucopyranose
4 non-polymer 'PHOSPHATE ION'
5 water water
#
_entity_poly.entity_id   1
_entity_poly.type   'polypeptide(L)'
_entity_poly.pdbx_seq_one_letter_code
;DAHKSEVAHRFKDLGEENFKALVLIAFAQYLQQCPFEDHVKLVNEVTEFAKTCVADESAENCDKSLHTLFGDKLCTVATL
RETYGEMADCCAKQEPERNECFLQHKDDNPNLPRLVRPEVDVMCTAFHDNEETFLKKYLYEIARRHPYFYAPELLFFAKR
YKAAFTECCQAADKAACLLPKLDELRDEGKASSAKQRLKCASLQKFGERAFKAWAVARLSQRFPKAEFAEVSKLVTDLTK
VHTECCHGDLLECADDRADLAKYICENQDSISSKLKECCEKPLLEKSHCIAEVENDEMPADLPSLAADFVESKDVCKNYA
EAKDVFLGMFLYEYARRHPDYSVVLLLRLAKTYETTLEKCCAAADPHECYAKVFDEFKPLVEEPQNLIKQNCELFEQLGE
YKFQNALLVRYTKKVPQVSTPTLVEVSRNLGKVGSKCCKHPEAKRMPCAEDYLSVVLNQLCVLHEKTPVSDRVTKCCTES
LVNRRPCFSALEVDETYVPKEFNAETFTFHADICTLSEKERQIKKQTALVELVKHKPKATKEQLKAVMDDFAAFVEKCCK
ADDKETCFAEEGKKLVAASQAALGL
;
_entity_poly.pdbx_strand_id   A
#
# COMPACT_ATOMS: atom_id res chain seq x y z
N SER A 5 25.14 -14.91 19.16
CA SER A 5 24.87 -15.17 17.70
C SER A 5 23.44 -14.84 17.24
N GLU A 6 23.33 -13.75 16.47
CA GLU A 6 22.01 -13.26 16.05
C GLU A 6 21.31 -14.19 15.04
N VAL A 7 21.97 -14.62 13.97
CA VAL A 7 21.35 -15.55 13.04
C VAL A 7 20.81 -16.84 13.74
N ALA A 8 21.58 -17.39 14.71
CA ALA A 8 21.18 -18.58 15.43
C ALA A 8 19.93 -18.30 16.22
N HIS A 9 19.96 -17.20 16.95
CA HIS A 9 18.78 -16.66 17.62
C HIS A 9 17.55 -16.54 16.71
N ARG A 10 17.69 -15.95 15.52
CA ARG A 10 16.56 -15.85 14.57
C ARG A 10 16.14 -17.22 13.99
N PHE A 11 17.05 -18.17 13.97
CA PHE A 11 16.66 -19.52 13.66
C PHE A 11 15.76 -20.14 14.73
N LYS A 12 16.13 -20.04 16.00
CA LYS A 12 15.43 -20.79 17.05
C LYS A 12 14.02 -20.29 17.20
N ASP A 13 13.86 -18.97 17.13
CA ASP A 13 12.57 -18.37 17.47
C ASP A 13 11.56 -18.56 16.38
N LEU A 14 12.07 -18.62 15.16
CA LEU A 14 11.26 -18.59 13.97
C LEU A 14 11.03 -19.99 13.44
N GLY A 15 11.84 -20.95 13.89
CA GLY A 15 11.90 -22.26 13.24
C GLY A 15 12.46 -22.16 11.83
N GLU A 16 12.83 -23.30 11.28
CA GLU A 16 13.49 -23.46 9.99
C GLU A 16 12.62 -23.12 8.77
N GLU A 17 11.34 -23.49 8.80
CA GLU A 17 10.50 -23.27 7.63
C GLU A 17 10.26 -21.74 7.44
N ASN A 18 9.77 -21.06 8.48
CA ASN A 18 9.65 -19.58 8.41
C ASN A 18 10.98 -18.86 8.26
N PHE A 19 12.00 -19.32 8.95
CA PHE A 19 13.33 -18.78 8.72
C PHE A 19 13.67 -18.70 7.22
N LYS A 20 13.47 -19.82 6.52
CA LYS A 20 13.91 -19.99 5.14
C LYS A 20 13.13 -19.09 4.16
N ALA A 21 11.82 -19.08 4.36
CA ALA A 21 10.87 -18.28 3.61
C ALA A 21 11.19 -16.76 3.73
N LEU A 22 11.33 -16.27 4.97
CA LEU A 22 11.80 -14.92 5.24
C LEU A 22 13.12 -14.56 4.60
N VAL A 23 14.11 -15.44 4.75
CA VAL A 23 15.39 -15.26 4.08
C VAL A 23 15.17 -15.09 2.57
N LEU A 24 14.40 -15.98 1.96
CA LEU A 24 14.18 -15.94 0.50
C LEU A 24 13.59 -14.63 0.02
N ILE A 25 12.57 -14.16 0.75
CA ILE A 25 11.92 -12.89 0.52
C ILE A 25 12.93 -11.77 0.54
N ALA A 26 13.79 -11.79 1.58
CA ALA A 26 14.84 -10.75 1.78
C ALA A 26 15.74 -10.67 0.57
N PHE A 27 16.00 -11.81 -0.06
CA PHE A 27 16.93 -11.79 -1.17
C PHE A 27 16.28 -11.25 -2.44
N ALA A 28 15.09 -11.77 -2.76
CA ALA A 28 14.32 -11.31 -3.92
C ALA A 28 13.90 -9.83 -3.84
N GLN A 29 13.60 -9.34 -2.65
CA GLN A 29 13.40 -7.87 -2.49
C GLN A 29 14.67 -7.05 -2.64
N TYR A 30 15.82 -7.56 -2.20
CA TYR A 30 17.09 -6.84 -2.38
C TYR A 30 17.61 -6.85 -3.85
N LEU A 31 17.36 -7.97 -4.56
CA LEU A 31 17.84 -8.15 -5.91
C LEU A 31 16.76 -8.70 -6.84
N GLN A 32 15.97 -7.78 -7.37
CA GLN A 32 14.71 -8.13 -8.01
C GLN A 32 14.94 -8.64 -9.42
N GLN A 33 16.11 -8.35 -9.98
CA GLN A 33 16.42 -8.76 -11.33
C GLN A 33 16.93 -10.18 -11.36
N CYS A 34 17.30 -10.70 -10.20
CA CYS A 34 18.01 -11.97 -10.10
C CYS A 34 17.12 -13.20 -10.30
N PRO A 35 17.59 -14.20 -11.08
CA PRO A 35 16.79 -15.42 -11.30
C PRO A 35 16.60 -16.26 -10.04
N PHE A 36 15.56 -17.06 -10.09
CA PHE A 36 15.11 -17.87 -8.97
C PHE A 36 16.18 -18.80 -8.36
N GLU A 37 16.92 -19.46 -9.25
CA GLU A 37 17.91 -20.50 -8.89
C GLU A 37 19.06 -19.97 -8.04
N ASP A 38 19.49 -18.75 -8.32
CA ASP A 38 20.56 -18.10 -7.59
C ASP A 38 20.11 -17.79 -6.16
N HIS A 39 18.91 -17.24 -6.00
CA HIS A 39 18.41 -16.90 -4.66
C HIS A 39 18.21 -18.13 -3.85
N VAL A 40 17.73 -19.21 -4.50
CA VAL A 40 17.54 -20.50 -3.79
C VAL A 40 18.88 -21.04 -3.30
N LYS A 41 19.87 -21.03 -4.17
CA LYS A 41 21.17 -21.41 -3.76
C LYS A 41 21.53 -20.59 -2.51
N LEU A 42 21.33 -19.28 -2.57
CA LEU A 42 21.75 -18.42 -1.46
C LEU A 42 21.04 -18.69 -0.15
N VAL A 43 19.80 -19.12 -0.22
CA VAL A 43 19.01 -19.39 0.96
C VAL A 43 19.52 -20.62 1.69
N ASN A 44 19.79 -21.66 0.90
CA ASN A 44 20.20 -22.95 1.44
C ASN A 44 21.57 -22.81 2.05
N GLU A 45 22.44 -22.06 1.39
CA GLU A 45 23.73 -21.75 1.97
C GLU A 45 23.61 -21.03 3.32
N VAL A 46 22.64 -20.11 3.42
CA VAL A 46 22.42 -19.32 4.66
C VAL A 46 21.82 -20.18 5.80
N THR A 47 20.85 -21.01 5.45
CA THR A 47 20.25 -21.98 6.36
C THR A 47 21.30 -23.01 6.83
N GLU A 48 22.17 -23.39 5.92
CA GLU A 48 23.17 -24.40 6.20
C GLU A 48 24.12 -23.78 7.21
N PHE A 49 24.55 -22.54 6.96
CA PHE A 49 25.43 -21.85 7.91
C PHE A 49 24.77 -21.61 9.25
N ALA A 50 23.50 -21.25 9.22
CA ALA A 50 22.77 -20.87 10.42
C ALA A 50 22.61 -22.05 11.39
N LYS A 51 22.46 -23.23 10.82
CA LYS A 51 22.35 -24.46 11.57
C LYS A 51 23.60 -24.77 12.42
N THR A 52 24.79 -24.66 11.83
CA THR A 52 26.02 -24.78 12.57
C THR A 52 26.08 -23.74 13.71
N CYS A 53 25.53 -22.55 13.48
CA CYS A 53 25.58 -21.49 14.49
C CYS A 53 24.68 -21.79 15.67
N VAL A 54 23.56 -22.48 15.40
CA VAL A 54 22.77 -23.07 16.47
C VAL A 54 23.54 -24.23 17.10
N ALA A 55 24.37 -24.94 16.31
CA ALA A 55 25.21 -26.03 16.85
C ALA A 55 26.37 -25.51 17.73
N ASP A 56 26.82 -24.28 17.46
CA ASP A 56 27.89 -23.63 18.21
C ASP A 56 27.91 -22.12 17.94
N GLU A 57 27.65 -21.31 18.96
CA GLU A 57 27.56 -19.87 18.77
C GLU A 57 28.92 -19.22 18.66
N SER A 58 29.95 -20.00 18.93
CA SER A 58 31.34 -19.59 18.76
C SER A 58 31.91 -20.07 17.44
N ALA A 59 31.11 -20.83 16.69
CA ALA A 59 31.56 -21.30 15.38
C ALA A 59 31.93 -20.10 14.52
N GLU A 60 32.86 -20.30 13.59
CA GLU A 60 33.46 -19.16 12.95
C GLU A 60 32.49 -18.40 12.07
N ASN A 61 32.36 -17.10 12.37
CA ASN A 61 31.48 -16.14 11.67
C ASN A 61 30.05 -15.96 12.24
N CYS A 62 29.67 -16.80 13.20
CA CYS A 62 28.32 -16.74 13.81
C CYS A 62 27.99 -15.48 14.61
N ASP A 63 29.00 -14.69 14.91
CA ASP A 63 28.86 -13.48 15.69
C ASP A 63 28.52 -12.24 14.84
N LYS A 64 28.66 -12.36 13.52
CA LYS A 64 28.43 -11.26 12.55
C LYS A 64 26.96 -10.82 12.37
N SER A 65 26.75 -9.64 11.80
CA SER A 65 25.41 -9.07 11.65
C SER A 65 24.68 -9.75 10.52
N LEU A 66 23.35 -9.84 10.62
CA LEU A 66 22.53 -10.42 9.53
C LEU A 66 22.82 -9.68 8.23
N HIS A 67 22.97 -8.36 8.36
CA HIS A 67 23.33 -7.50 7.21
C HIS A 67 24.59 -7.95 6.50
N THR A 68 25.68 -8.10 7.26
CA THR A 68 26.94 -8.63 6.72
C THR A 68 26.79 -10.01 6.09
N LEU A 69 26.08 -10.90 6.80
CA LEU A 69 25.87 -12.25 6.29
C LEU A 69 25.12 -12.25 4.96
N PHE A 70 23.99 -11.53 4.92
CA PHE A 70 23.15 -11.45 3.72
C PHE A 70 23.84 -10.70 2.58
N GLY A 71 24.42 -9.56 2.91
CA GLY A 71 25.21 -8.80 1.95
C GLY A 71 26.35 -9.56 1.28
N ASP A 72 27.14 -10.26 2.08
CA ASP A 72 28.25 -11.03 1.54
C ASP A 72 27.66 -12.05 0.63
N LYS A 73 26.64 -12.72 1.13
CA LYS A 73 26.03 -13.80 0.42
C LYS A 73 25.46 -13.29 -0.92
N LEU A 74 24.99 -12.04 -0.91
CA LEU A 74 24.41 -11.37 -2.10
C LEU A 74 25.47 -10.99 -3.10
N CYS A 75 26.64 -10.62 -2.59
CA CYS A 75 27.67 -10.07 -3.43
C CYS A 75 28.41 -11.12 -4.21
N THR A 76 28.15 -12.39 -3.88
CA THR A 76 28.71 -13.51 -4.64
C THR A 76 27.98 -13.62 -5.99
N VAL A 77 26.93 -12.82 -6.17
CA VAL A 77 26.12 -12.84 -7.39
C VAL A 77 25.95 -11.46 -8.03
N ALA A 78 25.84 -10.41 -7.22
CA ALA A 78 25.46 -9.07 -7.69
C ALA A 78 26.51 -8.39 -8.60
N THR A 79 27.78 -8.65 -8.30
CA THR A 79 28.92 -8.03 -9.00
C THR A 79 28.89 -8.14 -10.54
N LEU A 80 28.26 -9.20 -11.07
CA LEU A 80 28.16 -9.46 -12.52
C LEU A 80 27.34 -8.37 -13.22
N ARG A 81 28.03 -7.33 -13.71
CA ARG A 81 27.39 -6.04 -13.96
C ARG A 81 26.63 -5.79 -15.26
N GLU A 82 27.17 -6.14 -16.43
CA GLU A 82 26.41 -5.85 -17.67
C GLU A 82 25.07 -6.60 -17.68
N THR A 83 24.91 -7.53 -16.73
CA THR A 83 23.66 -8.20 -16.45
C THR A 83 22.87 -7.50 -15.32
N TYR A 84 23.52 -7.21 -14.19
CA TYR A 84 22.89 -6.46 -13.07
C TYR A 84 23.24 -4.97 -13.11
N GLY A 85 24.50 -4.63 -12.84
CA GLY A 85 24.98 -3.26 -12.99
C GLY A 85 25.10 -2.46 -11.72
N GLU A 86 24.03 -1.73 -11.37
CA GLU A 86 24.05 -0.77 -10.26
C GLU A 86 23.99 -1.40 -8.85
N MET A 87 23.87 -2.72 -8.79
CA MET A 87 24.05 -3.44 -7.52
C MET A 87 25.53 -3.80 -7.32
N ALA A 88 26.35 -3.57 -8.36
CA ALA A 88 27.81 -3.61 -8.27
C ALA A 88 28.37 -2.29 -7.71
N ASP A 89 27.49 -1.28 -7.60
CA ASP A 89 27.77 -0.13 -6.74
C ASP A 89 27.93 -0.70 -5.33
N CYS A 90 26.82 -1.24 -4.82
CA CYS A 90 26.70 -1.70 -3.43
C CYS A 90 27.75 -2.73 -3.02
N CYS A 91 28.10 -3.64 -3.95
CA CYS A 91 29.05 -4.71 -3.61
C CYS A 91 30.46 -4.22 -3.33
N ALA A 92 30.82 -3.05 -3.85
CA ALA A 92 32.12 -2.39 -3.58
C ALA A 92 32.07 -1.50 -2.33
N LYS A 93 30.95 -1.56 -1.64
CA LYS A 93 30.78 -0.86 -0.37
C LYS A 93 30.87 -1.81 0.82
N GLN A 94 31.16 -1.24 1.97
CA GLN A 94 31.14 -1.98 3.23
C GLN A 94 29.91 -1.58 4.04
N GLU A 95 29.57 -2.41 5.03
CA GLU A 95 28.47 -2.12 5.94
C GLU A 95 28.77 -0.89 6.79
N PRO A 96 27.76 -0.10 7.16
CA PRO A 96 26.33 -0.15 6.87
C PRO A 96 25.92 0.75 5.68
N GLU A 97 26.90 1.15 4.88
CA GLU A 97 26.63 1.93 3.69
C GLU A 97 26.10 1.00 2.56
N ARG A 98 26.46 -0.29 2.65
CA ARG A 98 26.01 -1.30 1.69
C ARG A 98 24.51 -1.62 1.84
N ASN A 99 24.06 -1.79 3.09
CA ASN A 99 22.68 -2.21 3.33
C ASN A 99 21.75 -1.16 2.78
N GLU A 100 22.12 0.09 3.02
CA GLU A 100 21.39 1.25 2.55
C GLU A 100 21.42 1.37 1.03
N CYS A 101 22.59 1.13 0.45
CA CYS A 101 22.69 1.01 -0.98
C CYS A 101 21.75 -0.09 -1.52
N PHE A 102 21.62 -1.23 -0.83
CA PHE A 102 20.67 -2.26 -1.29
C PHE A 102 19.24 -1.80 -1.20
N LEU A 103 18.84 -1.29 -0.02
CA LEU A 103 17.53 -0.68 0.16
C LEU A 103 17.23 0.44 -0.83
N GLN A 104 18.13 1.42 -0.94
CA GLN A 104 17.90 2.61 -1.79
C GLN A 104 17.67 2.23 -3.23
N HIS A 105 18.00 0.99 -3.60
CA HIS A 105 17.85 0.50 -4.94
C HIS A 105 16.65 -0.37 -5.17
N LYS A 106 15.66 -0.31 -4.28
CA LYS A 106 14.41 -1.03 -4.45
C LYS A 106 13.56 -0.40 -5.55
N ASP A 107 12.83 -1.21 -6.33
CA ASP A 107 12.17 -0.74 -7.53
C ASP A 107 10.67 -1.00 -7.45
N ASP A 108 9.86 0.04 -7.26
CA ASP A 108 8.43 -0.20 -7.10
C ASP A 108 7.76 -0.57 -8.42
N ASN A 109 8.44 -0.35 -9.53
CA ASN A 109 7.90 -0.59 -10.88
C ASN A 109 9.03 -1.16 -11.76
N PRO A 110 9.50 -2.38 -11.44
CA PRO A 110 10.66 -2.95 -12.13
C PRO A 110 10.30 -3.62 -13.46
N ASN A 111 11.07 -3.40 -14.51
CA ASN A 111 10.66 -3.98 -15.79
C ASN A 111 10.74 -5.50 -15.87
N LEU A 112 9.74 -6.12 -15.27
CA LEU A 112 9.61 -7.55 -15.16
C LEU A 112 8.37 -8.00 -15.93
N PRO A 113 8.44 -9.19 -16.54
CA PRO A 113 7.31 -9.80 -17.22
C PRO A 113 6.08 -9.80 -16.33
N ARG A 114 4.97 -9.29 -16.83
CA ARG A 114 3.77 -9.57 -16.07
C ARG A 114 3.58 -11.08 -16.15
N LEU A 115 3.22 -11.65 -15.02
CA LEU A 115 3.03 -13.07 -14.99
C LEU A 115 1.66 -13.43 -15.54
N VAL A 116 1.63 -14.07 -16.70
CA VAL A 116 0.42 -14.81 -17.09
C VAL A 116 0.51 -16.13 -16.35
N ARG A 117 -0.56 -16.56 -15.73
CA ARG A 117 -0.50 -17.89 -15.16
C ARG A 117 -1.00 -18.91 -16.17
N PRO A 118 -0.29 -20.05 -16.27
CA PRO A 118 -0.60 -21.10 -17.23
C PRO A 118 -1.92 -21.80 -16.89
N GLU A 119 -2.31 -22.78 -17.67
CA GLU A 119 -3.57 -23.47 -17.46
C GLU A 119 -3.47 -24.31 -16.17
N VAL A 120 -4.61 -24.66 -15.60
CA VAL A 120 -4.62 -25.24 -14.25
C VAL A 120 -3.95 -26.59 -14.09
N ASP A 121 -4.14 -27.48 -15.08
CA ASP A 121 -3.55 -28.84 -15.04
C ASP A 121 -2.05 -28.67 -14.84
N VAL A 122 -1.43 -27.83 -15.68
CA VAL A 122 0.00 -27.64 -15.64
C VAL A 122 0.43 -27.15 -14.28
N MET A 123 -0.34 -26.19 -13.74
CA MET A 123 -0.03 -25.59 -12.45
C MET A 123 -0.13 -26.68 -11.41
N CYS A 124 -1.24 -27.42 -11.40
CA CYS A 124 -1.38 -28.57 -10.48
C CYS A 124 -0.29 -29.61 -10.68
N THR A 125 0.11 -29.84 -11.93
CA THR A 125 1.24 -30.71 -12.20
C THR A 125 2.50 -30.22 -11.45
N ALA A 126 2.78 -28.92 -11.54
CA ALA A 126 3.93 -28.33 -10.84
C ALA A 126 3.89 -28.42 -9.27
N PHE A 127 2.69 -28.30 -8.71
CA PHE A 127 2.52 -28.35 -7.28
C PHE A 127 2.78 -29.75 -6.73
N HIS A 128 2.18 -30.76 -7.34
CA HIS A 128 2.27 -32.12 -6.83
C HIS A 128 3.64 -32.67 -7.00
N ASP A 129 4.24 -32.33 -8.15
CA ASP A 129 5.64 -32.54 -8.48
C ASP A 129 6.56 -32.25 -7.30
N ASN A 130 6.61 -31.00 -6.86
CA ASN A 130 7.48 -30.58 -5.77
C ASN A 130 6.86 -29.36 -5.14
N GLU A 131 6.05 -29.55 -4.11
CA GLU A 131 5.28 -28.45 -3.59
C GLU A 131 6.09 -27.44 -2.79
N GLU A 132 7.31 -27.79 -2.43
CA GLU A 132 8.15 -26.86 -1.68
C GLU A 132 8.73 -25.85 -2.64
N THR A 133 9.01 -26.30 -3.86
CA THR A 133 9.60 -25.49 -4.90
C THR A 133 8.53 -24.51 -5.40
N PHE A 134 7.32 -25.01 -5.55
CA PHE A 134 6.19 -24.23 -6.06
C PHE A 134 5.86 -23.02 -5.21
N LEU A 135 5.72 -23.24 -3.91
CA LEU A 135 5.64 -22.22 -2.88
C LEU A 135 6.81 -21.25 -2.86
N LYS A 136 8.03 -21.75 -3.04
CA LYS A 136 9.17 -20.87 -2.95
C LYS A 136 9.13 -19.89 -4.09
N LYS A 137 8.67 -20.39 -5.23
CA LYS A 137 8.64 -19.65 -6.48
C LYS A 137 7.51 -18.64 -6.41
N TYR A 138 6.46 -18.99 -5.65
CA TYR A 138 5.37 -18.05 -5.41
C TYR A 138 5.92 -16.84 -4.63
N LEU A 139 6.47 -17.09 -3.42
CA LEU A 139 7.22 -16.01 -2.69
C LEU A 139 8.19 -15.23 -3.58
N TYR A 140 9.00 -15.94 -4.33
CA TYR A 140 10.02 -15.28 -5.10
C TYR A 140 9.42 -14.23 -6.00
N GLU A 141 8.38 -14.60 -6.75
CA GLU A 141 7.78 -13.73 -7.75
C GLU A 141 7.05 -12.52 -7.16
N ILE A 142 6.33 -12.71 -6.05
CA ILE A 142 5.63 -11.61 -5.41
C ILE A 142 6.65 -10.65 -4.79
N ALA A 143 7.51 -11.16 -3.93
CA ALA A 143 8.48 -10.30 -3.27
C ALA A 143 9.29 -9.39 -4.20
N ARG A 144 9.75 -9.92 -5.31
CA ARG A 144 10.58 -9.09 -6.18
C ARG A 144 9.76 -8.00 -6.97
N ARG A 145 8.44 -8.18 -7.01
CA ARG A 145 7.55 -7.27 -7.70
C ARG A 145 6.98 -6.32 -6.70
N HIS A 146 7.15 -6.69 -5.41
CA HIS A 146 6.67 -5.90 -4.27
C HIS A 146 7.69 -5.89 -3.16
N PRO A 147 8.77 -5.15 -3.33
CA PRO A 147 9.95 -5.24 -2.43
C PRO A 147 9.72 -4.63 -1.05
N TYR A 148 8.49 -4.15 -0.83
CA TYR A 148 8.16 -3.64 0.46
C TYR A 148 7.06 -4.43 1.15
N PHE A 149 6.62 -5.51 0.52
CA PHE A 149 5.58 -6.39 1.11
C PHE A 149 5.85 -6.65 2.60
N TYR A 150 4.81 -6.57 3.42
CA TYR A 150 4.84 -6.88 4.85
C TYR A 150 5.26 -8.32 4.98
N ALA A 151 6.55 -8.51 5.19
CA ALA A 151 7.15 -9.85 4.96
C ALA A 151 6.49 -10.97 5.80
N PRO A 152 6.25 -10.73 7.08
CA PRO A 152 5.43 -11.67 7.88
C PRO A 152 4.05 -12.00 7.26
N GLU A 153 3.37 -11.01 6.70
CA GLU A 153 2.09 -11.26 6.06
C GLU A 153 2.23 -12.01 4.78
N LEU A 154 3.35 -11.86 4.12
CA LEU A 154 3.55 -12.68 2.96
C LEU A 154 3.67 -14.17 3.31
N LEU A 155 4.02 -14.51 4.56
CA LEU A 155 4.10 -15.93 4.87
C LEU A 155 2.66 -16.43 4.85
N PHE A 156 1.77 -15.61 5.41
CA PHE A 156 0.38 -15.97 5.53
C PHE A 156 -0.26 -16.18 4.16
N PHE A 157 0.27 -15.48 3.15
CA PHE A 157 -0.26 -15.57 1.77
C PHE A 157 0.09 -16.92 1.14
N ALA A 158 1.37 -17.24 1.21
CA ALA A 158 1.93 -18.53 0.95
C ALA A 158 1.16 -19.69 1.64
N LYS A 159 0.81 -19.50 2.91
CA LYS A 159 0.05 -20.50 3.61
C LYS A 159 -1.28 -20.76 2.88
N ARG A 160 -2.01 -19.69 2.51
CA ARG A 160 -3.34 -19.86 1.91
C ARG A 160 -3.26 -20.28 0.45
N TYR A 161 -2.24 -19.79 -0.25
CA TYR A 161 -1.93 -20.28 -1.60
C TYR A 161 -1.75 -21.82 -1.59
N LYS A 162 -0.83 -22.34 -0.78
CA LYS A 162 -0.61 -23.80 -0.58
C LYS A 162 -1.90 -24.56 -0.30
N ALA A 163 -2.77 -24.00 0.55
CA ALA A 163 -4.08 -24.59 0.88
C ALA A 163 -5.06 -24.61 -0.29
N ALA A 164 -4.81 -23.78 -1.29
CA ALA A 164 -5.71 -23.66 -2.42
C ALA A 164 -5.31 -24.76 -3.37
N PHE A 165 -3.99 -24.92 -3.53
CA PHE A 165 -3.45 -25.95 -4.36
C PHE A 165 -3.68 -27.34 -3.77
N THR A 166 -3.55 -27.49 -2.46
CA THR A 166 -3.73 -28.83 -1.83
C THR A 166 -5.14 -29.31 -2.02
N GLU A 167 -6.11 -28.43 -1.75
CA GLU A 167 -7.51 -28.75 -1.89
C GLU A 167 -7.88 -28.90 -3.35
N CYS A 168 -7.61 -27.85 -4.12
CA CYS A 168 -8.15 -27.74 -5.48
C CYS A 168 -7.57 -28.65 -6.54
N CYS A 169 -6.40 -29.22 -6.29
CA CYS A 169 -5.88 -30.14 -7.25
C CYS A 169 -6.45 -31.52 -7.00
N GLN A 170 -7.49 -31.61 -6.17
CA GLN A 170 -8.19 -32.89 -5.86
C GLN A 170 -9.63 -32.97 -6.37
N ALA A 171 -10.33 -31.85 -6.52
CA ALA A 171 -11.76 -31.96 -6.83
C ALA A 171 -12.11 -32.38 -8.30
N ALA A 172 -13.41 -32.46 -8.59
CA ALA A 172 -13.91 -32.76 -9.94
C ALA A 172 -13.35 -31.72 -10.91
N ASP A 173 -13.65 -30.46 -10.60
CA ASP A 173 -13.30 -29.34 -11.44
C ASP A 173 -12.15 -28.55 -10.79
N LYS A 174 -10.95 -28.71 -11.33
CA LYS A 174 -9.77 -27.98 -10.88
C LYS A 174 -9.94 -26.45 -10.95
N ALA A 175 -10.20 -25.93 -12.16
CA ALA A 175 -10.26 -24.49 -12.36
C ALA A 175 -11.37 -23.78 -11.56
N ALA A 176 -12.52 -24.44 -11.42
CA ALA A 176 -13.64 -23.80 -10.78
C ALA A 176 -13.37 -23.62 -9.32
N CYS A 177 -12.42 -24.42 -8.83
CA CYS A 177 -12.07 -24.48 -7.42
C CYS A 177 -11.05 -23.40 -7.15
N LEU A 178 -9.95 -23.54 -7.89
CA LEU A 178 -8.73 -22.88 -7.60
C LEU A 178 -8.77 -21.43 -8.05
N LEU A 179 -9.10 -21.18 -9.33
CA LEU A 179 -9.04 -19.83 -9.92
C LEU A 179 -9.75 -18.73 -9.11
N PRO A 180 -10.97 -19.00 -8.61
CA PRO A 180 -11.58 -18.02 -7.68
C PRO A 180 -10.68 -17.65 -6.49
N LYS A 181 -10.07 -18.67 -5.89
CA LYS A 181 -9.26 -18.49 -4.68
C LYS A 181 -7.96 -17.72 -4.95
N LEU A 182 -7.32 -18.04 -6.06
CA LEU A 182 -6.12 -17.34 -6.50
C LEU A 182 -6.42 -15.85 -6.83
N ASP A 183 -7.64 -15.58 -7.26
CA ASP A 183 -8.11 -14.21 -7.54
C ASP A 183 -8.34 -13.45 -6.27
N GLU A 184 -9.00 -14.09 -5.31
CA GLU A 184 -9.18 -13.46 -4.00
C GLU A 184 -7.88 -13.11 -3.29
N LEU A 185 -6.85 -13.91 -3.57
CA LEU A 185 -5.52 -13.69 -3.05
C LEU A 185 -4.73 -12.68 -3.82
N ARG A 186 -4.77 -12.72 -5.15
CA ARG A 186 -4.25 -11.60 -5.94
C ARG A 186 -4.96 -10.23 -5.57
N ASP A 187 -6.22 -10.27 -5.15
CA ASP A 187 -6.90 -9.00 -4.82
C ASP A 187 -6.35 -8.46 -3.51
N GLU A 188 -6.36 -9.32 -2.50
CA GLU A 188 -5.87 -8.95 -1.21
C GLU A 188 -4.35 -8.64 -1.22
N GLY A 189 -3.61 -9.33 -2.08
CA GLY A 189 -2.21 -9.07 -2.24
C GLY A 189 -1.85 -7.65 -2.57
N LYS A 190 -2.39 -7.15 -3.68
CA LYS A 190 -2.32 -5.75 -4.08
C LYS A 190 -2.62 -4.76 -2.95
N ALA A 191 -3.74 -4.97 -2.25
CA ALA A 191 -4.20 -4.06 -1.20
C ALA A 191 -3.21 -4.10 -0.06
N SER A 192 -2.85 -5.31 0.34
CA SER A 192 -1.91 -5.53 1.43
C SER A 192 -0.52 -4.92 1.11
N SER A 193 -0.04 -5.13 -0.11
CA SER A 193 1.17 -4.51 -0.55
C SER A 193 1.09 -2.98 -0.40
N ALA A 194 0.02 -2.34 -0.92
CA ALA A 194 -0.11 -0.90 -0.88
C ALA A 194 -0.27 -0.41 0.55
N LYS A 195 -0.96 -1.18 1.38
CA LYS A 195 -1.07 -0.81 2.78
C LYS A 195 0.29 -0.65 3.45
N GLN A 196 1.10 -1.71 3.37
CA GLN A 196 2.48 -1.66 3.88
C GLN A 196 3.35 -0.58 3.23
N ARG A 197 3.12 -0.32 1.93
CA ARG A 197 3.93 0.63 1.15
C ARG A 197 3.86 2.04 1.68
N LEU A 198 2.70 2.38 2.23
CA LEU A 198 2.45 3.64 2.88
C LEU A 198 3.16 3.67 4.26
N LYS A 199 3.06 2.59 5.05
CA LYS A 199 3.76 2.53 6.36
C LYS A 199 5.26 2.82 6.19
N CYS A 200 5.89 2.18 5.20
CA CYS A 200 7.29 2.37 4.93
C CYS A 200 7.59 3.80 4.45
N ALA A 201 6.65 4.43 3.78
CA ALA A 201 6.93 5.80 3.36
C ALA A 201 6.72 6.71 4.53
N SER A 202 5.87 6.35 5.49
CA SER A 202 5.75 7.25 6.65
C SER A 202 7.09 7.29 7.32
N LEU A 203 7.63 6.09 7.62
CA LEU A 203 8.91 5.94 8.33
C LEU A 203 10.09 6.50 7.59
N GLN A 204 10.15 6.24 6.30
CA GLN A 204 11.33 6.60 5.53
C GLN A 204 11.43 8.08 5.22
N LYS A 205 10.29 8.69 4.93
CA LYS A 205 10.26 10.08 4.50
C LYS A 205 9.80 11.10 5.54
N PHE A 206 9.11 10.69 6.60
CA PHE A 206 8.55 11.65 7.54
C PHE A 206 9.00 11.38 8.96
N GLY A 207 9.64 10.23 9.15
CA GLY A 207 10.26 9.83 10.42
C GLY A 207 9.32 9.21 11.43
N GLU A 208 9.89 8.52 12.41
CA GLU A 208 9.07 7.77 13.35
C GLU A 208 8.05 8.58 14.19
N ARG A 209 8.31 9.84 14.49
CA ARG A 209 7.32 10.64 15.20
C ARG A 209 6.01 10.66 14.42
N ALA A 210 6.12 10.79 13.09
CA ALA A 210 4.93 10.81 12.23
C ALA A 210 4.19 9.46 12.28
N PHE A 211 4.95 8.38 12.10
CA PHE A 211 4.39 7.05 12.25
C PHE A 211 3.74 6.79 13.60
N LYS A 212 4.42 7.20 14.67
CA LYS A 212 3.91 6.96 16.01
C LYS A 212 2.55 7.59 16.18
N ALA A 213 2.35 8.72 15.49
CA ALA A 213 1.14 9.49 15.73
C ALA A 213 0.01 8.77 15.01
N TRP A 214 0.25 8.48 13.75
CA TRP A 214 -0.61 7.63 12.99
C TRP A 214 -1.00 6.44 13.82
N ALA A 215 -0.03 5.69 14.30
CA ALA A 215 -0.32 4.60 15.20
C ALA A 215 -1.28 4.97 16.33
N VAL A 216 -0.97 6.01 17.12
CA VAL A 216 -1.75 6.30 18.32
C VAL A 216 -3.17 6.49 17.88
N ALA A 217 -3.32 7.26 16.82
CA ALA A 217 -4.63 7.51 16.30
C ALA A 217 -5.30 6.14 16.09
N ARG A 218 -4.81 5.37 15.11
CA ARG A 218 -5.44 4.11 14.74
C ARG A 218 -5.56 3.10 15.91
N LEU A 219 -4.57 2.92 16.75
CA LEU A 219 -4.83 1.94 17.80
C LEU A 219 -5.90 2.38 18.83
N SER A 220 -6.09 3.70 19.00
CA SER A 220 -7.06 4.24 19.93
C SER A 220 -8.45 4.03 19.39
N GLN A 221 -8.58 4.16 18.07
CA GLN A 221 -9.84 3.86 17.39
C GLN A 221 -10.16 2.39 17.59
N ARG A 222 -9.14 1.55 17.56
CA ARG A 222 -9.40 0.15 17.65
C ARG A 222 -9.53 -0.30 19.07
N PHE A 223 -8.77 0.27 19.98
CA PHE A 223 -8.72 -0.26 21.34
C PHE A 223 -9.22 0.77 22.41
N PRO A 224 -10.42 1.35 22.21
CA PRO A 224 -10.83 2.53 22.96
C PRO A 224 -11.09 2.30 24.44
N LYS A 225 -11.29 1.06 24.88
CA LYS A 225 -11.44 0.86 26.31
C LYS A 225 -10.10 0.88 26.99
N ALA A 226 -9.05 0.60 26.23
CA ALA A 226 -7.68 0.54 26.74
C ALA A 226 -7.13 1.90 27.13
N GLU A 227 -6.37 1.93 28.23
CA GLU A 227 -5.77 3.16 28.77
C GLU A 227 -4.61 3.64 27.94
N PHE A 228 -4.29 4.91 28.10
CA PHE A 228 -3.32 5.58 27.26
C PHE A 228 -1.94 4.93 27.32
N ALA A 229 -1.55 4.50 28.51
CA ALA A 229 -0.26 3.80 28.70
C ALA A 229 -0.15 2.49 27.95
N GLU A 230 -1.23 1.70 27.99
CA GLU A 230 -1.34 0.47 27.18
C GLU A 230 -1.29 0.77 25.66
N VAL A 231 -1.99 1.80 25.23
CA VAL A 231 -1.89 2.19 23.85
C VAL A 231 -0.46 2.56 23.48
N SER A 232 0.18 3.45 24.25
CA SER A 232 1.59 3.85 24.00
C SER A 232 2.57 2.68 23.84
N LYS A 233 2.39 1.68 24.70
CA LYS A 233 3.25 0.48 24.68
C LYS A 233 3.03 -0.36 23.44
N LEU A 234 1.79 -0.51 22.98
CA LEU A 234 1.54 -1.28 21.74
C LEU A 234 2.13 -0.51 20.57
N VAL A 235 1.95 0.82 20.62
CA VAL A 235 2.48 1.77 19.63
C VAL A 235 4.03 1.73 19.50
N THR A 236 4.73 1.66 20.63
CA THR A 236 6.17 1.54 20.58
C THR A 236 6.56 0.24 19.85
N ASP A 237 5.85 -0.84 20.15
CA ASP A 237 6.14 -2.16 19.60
C ASP A 237 5.76 -2.29 18.14
N LEU A 238 4.58 -1.78 17.81
CA LEU A 238 4.16 -1.83 16.43
C LEU A 238 5.16 -1.10 15.51
N THR A 239 5.68 0.01 16.02
CA THR A 239 6.64 0.86 15.32
C THR A 239 7.98 0.20 15.15
N LYS A 240 8.41 -0.52 16.19
CA LYS A 240 9.67 -1.25 16.11
C LYS A 240 9.55 -2.32 15.02
N VAL A 241 8.41 -3.01 14.98
CA VAL A 241 8.15 -4.03 13.96
C VAL A 241 8.22 -3.45 12.54
N HIS A 242 7.39 -2.45 12.25
CA HIS A 242 7.46 -1.81 10.94
C HIS A 242 8.75 -1.14 10.56
N THR A 243 9.42 -0.58 11.57
CA THR A 243 10.72 0.03 11.30
C THR A 243 11.68 -1.05 10.83
N GLU A 244 11.62 -2.21 11.46
CA GLU A 244 12.47 -3.32 11.05
C GLU A 244 12.06 -3.82 9.67
N CYS A 245 10.80 -4.13 9.46
CA CYS A 245 10.35 -4.56 8.13
C CYS A 245 10.60 -3.63 6.96
N CYS A 246 10.43 -2.32 7.15
CA CYS A 246 10.70 -1.36 6.06
C CYS A 246 12.18 -1.20 5.79
N HIS A 247 13.01 -1.69 6.68
CA HIS A 247 14.44 -1.54 6.59
C HIS A 247 15.15 -2.80 6.09
N GLY A 248 14.40 -3.77 5.60
CA GLY A 248 15.03 -5.03 5.17
C GLY A 248 15.29 -6.07 6.26
N ASP A 249 15.10 -5.72 7.54
CA ASP A 249 15.38 -6.67 8.66
C ASP A 249 14.17 -7.58 8.88
N LEU A 250 13.96 -8.52 7.97
CA LEU A 250 12.73 -9.29 7.99
C LEU A 250 12.68 -10.25 9.17
N LEU A 251 13.82 -10.82 9.50
CA LEU A 251 13.88 -11.82 10.55
C LEU A 251 13.41 -11.26 11.88
N GLU A 252 14.01 -10.15 12.30
CA GLU A 252 13.66 -9.59 13.59
C GLU A 252 12.19 -9.13 13.59
N CYS A 253 11.74 -8.58 12.45
CA CYS A 253 10.36 -8.12 12.18
C CYS A 253 9.30 -9.21 12.43
N ALA A 254 9.46 -10.38 11.81
CA ALA A 254 8.65 -11.56 12.14
C ALA A 254 8.70 -11.98 13.60
N ASP A 255 9.89 -11.91 14.18
CA ASP A 255 10.05 -12.36 15.54
C ASP A 255 9.36 -11.35 16.46
N ASP A 256 9.58 -10.07 16.19
CA ASP A 256 9.00 -9.04 17.04
C ASP A 256 7.45 -8.98 16.84
N ARG A 257 6.98 -9.29 15.63
CA ARG A 257 5.53 -9.44 15.39
C ARG A 257 4.87 -10.61 16.16
N ALA A 258 5.50 -11.78 16.15
CA ALA A 258 5.03 -12.87 16.98
C ALA A 258 4.95 -12.42 18.45
N ASP A 259 6.06 -11.90 18.99
CA ASP A 259 6.04 -11.35 20.36
C ASP A 259 4.87 -10.36 20.56
N LEU A 260 4.69 -9.42 19.61
CA LEU A 260 3.59 -8.50 19.79
C LEU A 260 2.23 -9.21 19.88
N ALA A 261 2.08 -10.31 19.14
CA ALA A 261 0.86 -11.10 19.22
C ALA A 261 0.77 -11.84 20.56
N LYS A 262 1.88 -12.47 20.98
CA LYS A 262 1.88 -13.12 22.27
C LYS A 262 1.36 -12.09 23.30
N TYR A 263 1.96 -10.89 23.28
CA TYR A 263 1.72 -9.91 24.30
C TYR A 263 0.24 -9.54 24.34
N ILE A 264 -0.29 -9.23 23.16
CA ILE A 264 -1.62 -8.73 23.03
C ILE A 264 -2.64 -9.75 23.52
N CYS A 265 -2.33 -11.03 23.30
CA CYS A 265 -3.25 -12.14 23.52
C CYS A 265 -3.31 -12.55 24.98
N GLU A 266 -2.21 -12.34 25.68
CA GLU A 266 -2.14 -12.46 27.12
C GLU A 266 -2.80 -11.28 27.85
N ASN A 267 -2.98 -10.14 27.19
CA ASN A 267 -3.58 -8.95 27.85
C ASN A 267 -4.92 -8.46 27.32
N GLN A 268 -5.63 -9.35 26.63
CA GLN A 268 -6.90 -8.98 26.04
C GLN A 268 -7.76 -8.11 26.94
N ASP A 269 -7.81 -8.43 28.23
CA ASP A 269 -8.66 -7.67 29.17
C ASP A 269 -8.31 -6.18 29.27
N SER A 270 -7.02 -5.84 29.17
CA SER A 270 -6.57 -4.43 29.16
C SER A 270 -6.67 -3.78 27.78
N ILE A 271 -7.18 -4.50 26.78
CA ILE A 271 -7.01 -4.08 25.37
C ILE A 271 -8.29 -3.98 24.51
N SER A 272 -8.93 -5.12 24.26
CA SER A 272 -10.15 -5.16 23.46
C SER A 272 -10.83 -6.46 23.76
N SER A 273 -12.14 -6.49 23.52
CA SER A 273 -12.96 -7.65 23.85
C SER A 273 -13.30 -8.41 22.58
N LYS A 274 -12.62 -8.01 21.50
CA LYS A 274 -12.79 -8.62 20.19
C LYS A 274 -11.64 -9.60 19.88
N LEU A 275 -10.72 -9.76 20.81
CA LEU A 275 -9.53 -10.56 20.51
C LEU A 275 -9.75 -12.07 20.71
N LYS A 276 -10.72 -12.40 21.58
CA LYS A 276 -11.25 -13.75 21.72
C LYS A 276 -10.84 -14.73 20.60
N GLU A 277 -11.32 -14.47 19.39
CA GLU A 277 -11.21 -15.43 18.34
C GLU A 277 -9.92 -15.28 17.59
N CYS A 278 -9.38 -14.07 17.52
CA CYS A 278 -8.05 -13.89 16.92
C CYS A 278 -6.99 -14.67 17.69
N CYS A 279 -7.05 -14.53 19.01
CA CYS A 279 -6.11 -15.20 19.93
C CYS A 279 -6.21 -16.72 20.03
N GLU A 280 -7.32 -17.30 19.58
CA GLU A 280 -7.41 -18.75 19.46
C GLU A 280 -6.70 -19.27 18.22
N LYS A 281 -6.47 -18.40 17.24
CA LYS A 281 -5.91 -18.83 15.96
C LYS A 281 -4.40 -19.27 15.96
N PRO A 282 -3.93 -19.96 14.89
CA PRO A 282 -2.49 -20.27 14.77
C PRO A 282 -1.66 -19.07 14.40
N LEU A 283 -0.36 -19.17 14.62
CA LEU A 283 0.56 -18.04 14.63
C LEU A 283 0.31 -16.98 13.55
N LEU A 284 0.21 -17.41 12.31
CA LEU A 284 0.09 -16.46 11.22
C LEU A 284 -1.30 -15.85 11.14
N GLU A 285 -2.35 -16.67 11.27
CA GLU A 285 -3.69 -16.13 11.20
C GLU A 285 -3.81 -15.11 12.31
N LYS A 286 -3.24 -15.48 13.46
CA LYS A 286 -3.38 -14.73 14.69
C LYS A 286 -3.00 -13.25 14.51
N SER A 287 -1.82 -12.99 13.96
CA SER A 287 -1.34 -11.63 13.69
C SER A 287 -2.20 -10.96 12.66
N HIS A 288 -2.38 -11.64 11.54
CA HIS A 288 -3.28 -11.17 10.47
C HIS A 288 -4.61 -10.73 11.02
N CYS A 289 -5.23 -11.62 11.79
CA CYS A 289 -6.47 -11.34 12.48
C CYS A 289 -6.44 -10.05 13.27
N ILE A 290 -5.42 -9.91 14.12
CA ILE A 290 -5.39 -8.79 15.07
C ILE A 290 -5.35 -7.47 14.30
N ALA A 291 -4.48 -7.45 13.30
CA ALA A 291 -4.32 -6.33 12.45
C ALA A 291 -5.65 -5.95 11.77
N GLU A 292 -6.54 -6.91 11.59
CA GLU A 292 -7.75 -6.69 10.81
C GLU A 292 -8.96 -6.51 11.69
N VAL A 293 -8.75 -6.47 12.99
CA VAL A 293 -9.89 -6.66 13.88
C VAL A 293 -10.69 -5.38 14.06
N GLU A 294 -12.02 -5.53 13.99
CA GLU A 294 -12.97 -4.43 14.12
C GLU A 294 -12.79 -3.71 15.46
N ASN A 295 -13.17 -2.44 15.46
CA ASN A 295 -13.11 -1.63 16.67
C ASN A 295 -13.87 -2.25 17.83
N ASP A 296 -13.29 -2.14 19.03
CA ASP A 296 -13.98 -2.48 20.25
C ASP A 296 -15.04 -1.44 20.45
N GLU A 297 -16.01 -1.75 21.29
CA GLU A 297 -17.09 -0.79 21.58
C GLU A 297 -16.50 0.35 22.40
N MET A 298 -16.95 1.56 22.13
CA MET A 298 -16.60 2.75 22.92
C MET A 298 -17.02 2.61 24.40
N PRO A 299 -16.15 3.05 25.36
CA PRO A 299 -16.59 3.23 26.74
C PRO A 299 -17.79 4.14 26.74
N ALA A 300 -18.86 3.68 27.38
CA ALA A 300 -20.18 4.30 27.23
C ALA A 300 -20.20 5.69 27.86
N ASP A 301 -19.69 5.80 29.09
CA ASP A 301 -19.47 7.10 29.69
C ASP A 301 -18.09 7.59 29.28
N LEU A 302 -18.07 8.73 28.58
CA LEU A 302 -16.81 9.41 28.26
C LEU A 302 -17.03 10.89 28.44
N PRO A 303 -16.18 11.54 29.24
CA PRO A 303 -16.23 12.98 29.47
C PRO A 303 -15.76 13.78 28.26
N SER A 304 -16.32 14.98 28.13
CA SER A 304 -15.94 15.99 27.15
C SER A 304 -14.41 16.28 27.22
N LEU A 305 -13.82 16.61 26.07
CA LEU A 305 -12.38 16.91 25.99
C LEU A 305 -12.07 18.19 26.74
N ALA A 306 -12.82 19.25 26.38
CA ALA A 306 -12.71 20.59 26.94
C ALA A 306 -12.04 20.73 28.34
N ALA A 307 -12.47 19.96 29.35
CA ALA A 307 -11.95 20.07 30.72
C ALA A 307 -10.44 20.09 30.78
N ASP A 308 -9.81 19.02 30.33
CA ASP A 308 -8.35 18.94 30.36
C ASP A 308 -7.61 19.63 29.20
N PHE A 309 -8.29 19.86 28.07
CA PHE A 309 -7.63 20.39 26.86
C PHE A 309 -8.02 21.79 26.34
N VAL A 310 -9.02 22.44 26.94
CA VAL A 310 -9.31 23.86 26.58
C VAL A 310 -9.59 24.75 27.80
N GLU A 311 -10.47 24.27 28.67
CA GLU A 311 -10.91 25.01 29.86
C GLU A 311 -9.83 25.08 30.95
N SER A 312 -8.91 24.11 30.94
CA SER A 312 -7.92 24.03 31.99
C SER A 312 -6.84 25.07 31.81
N LYS A 313 -6.31 25.54 32.92
CA LYS A 313 -5.04 26.23 32.92
C LYS A 313 -4.03 25.09 32.91
N ASP A 314 -2.76 25.34 33.01
CA ASP A 314 -1.81 24.23 32.85
C ASP A 314 -1.87 23.63 31.45
N VAL A 315 -2.75 24.13 30.60
CA VAL A 315 -2.76 23.72 29.21
C VAL A 315 -1.41 24.05 28.59
N CYS A 316 -0.99 25.31 28.69
CA CYS A 316 0.31 25.75 28.21
C CYS A 316 1.45 25.12 29.00
N LYS A 317 1.32 25.05 30.32
CA LYS A 317 2.35 24.41 31.13
C LYS A 317 2.51 22.91 30.75
N ASN A 318 1.39 22.22 30.53
CA ASN A 318 1.46 20.82 30.12
C ASN A 318 2.01 20.68 28.72
N TYR A 319 1.54 21.55 27.83
CA TYR A 319 2.08 21.64 26.50
C TYR A 319 3.59 21.77 26.56
N ALA A 320 4.12 22.68 27.37
CA ALA A 320 5.53 22.91 27.34
C ALA A 320 6.32 21.84 28.09
N GLU A 321 5.91 21.57 29.34
CA GLU A 321 6.53 20.54 30.19
C GLU A 321 6.75 19.23 29.44
N ALA A 322 5.70 18.72 28.81
CA ALA A 322 5.78 17.44 28.14
C ALA A 322 4.97 17.38 26.84
N LYS A 323 5.52 17.90 25.73
CA LYS A 323 4.67 18.15 24.55
C LYS A 323 4.28 16.87 23.88
N ASP A 324 5.19 15.91 23.83
CA ASP A 324 4.88 14.74 23.05
C ASP A 324 3.80 13.87 23.71
N VAL A 325 3.86 13.73 25.03
CA VAL A 325 2.89 12.97 25.76
C VAL A 325 1.58 13.68 25.81
N PHE A 326 1.60 14.98 26.07
CA PHE A 326 0.36 15.75 26.08
C PHE A 326 -0.34 15.65 24.74
N LEU A 327 0.39 15.72 23.63
CA LEU A 327 -0.24 15.67 22.28
C LEU A 327 -0.73 14.28 21.94
N GLY A 328 0.03 13.26 22.33
CA GLY A 328 -0.41 11.86 22.18
C GLY A 328 -1.73 11.66 22.87
N MET A 329 -1.84 12.31 24.03
CA MET A 329 -2.96 12.14 24.91
C MET A 329 -4.15 12.80 24.29
N PHE A 330 -3.99 14.03 23.88
CA PHE A 330 -5.11 14.61 23.14
C PHE A 330 -5.62 13.68 22.02
N LEU A 331 -4.69 13.12 21.25
CA LEU A 331 -4.97 12.32 20.04
C LEU A 331 -5.63 10.99 20.37
N TYR A 332 -5.15 10.36 21.45
CA TYR A 332 -5.74 9.15 21.98
C TYR A 332 -7.21 9.42 22.35
N GLU A 333 -7.39 10.48 23.16
CA GLU A 333 -8.68 10.86 23.71
C GLU A 333 -9.67 11.23 22.63
N TYR A 334 -9.23 12.02 21.66
CA TYR A 334 -10.08 12.36 20.56
C TYR A 334 -10.30 11.14 19.62
N ALA A 335 -9.27 10.28 19.47
CA ALA A 335 -9.34 9.09 18.57
C ALA A 335 -10.37 8.08 19.08
N ARG A 336 -10.22 7.71 20.34
CA ARG A 336 -11.10 6.70 20.92
C ARG A 336 -12.58 7.08 20.76
N ARG A 337 -12.87 8.38 20.63
CA ARG A 337 -14.25 8.91 20.54
C ARG A 337 -14.78 9.02 19.12
N HIS A 338 -13.89 9.01 18.13
CA HIS A 338 -14.34 9.10 16.74
C HIS A 338 -13.83 7.99 15.83
N PRO A 339 -14.44 6.79 15.95
CA PRO A 339 -14.14 5.76 14.97
C PRO A 339 -14.86 6.10 13.66
N ASP A 340 -15.68 7.15 13.66
CA ASP A 340 -16.36 7.61 12.48
C ASP A 340 -15.53 8.64 11.72
N TYR A 341 -14.36 8.95 12.26
CA TYR A 341 -13.32 9.78 11.62
C TYR A 341 -12.15 8.96 11.01
N SER A 342 -11.82 9.25 9.76
CA SER A 342 -10.61 8.76 9.18
C SER A 342 -9.43 9.15 10.04
N VAL A 343 -8.42 8.30 10.01
CA VAL A 343 -7.13 8.60 10.66
C VAL A 343 -6.38 9.81 10.07
N VAL A 344 -6.42 10.00 8.74
CA VAL A 344 -5.82 11.24 8.22
C VAL A 344 -6.49 12.50 8.80
N LEU A 345 -7.81 12.44 8.99
CA LEU A 345 -8.56 13.55 9.57
C LEU A 345 -8.08 13.89 10.95
N LEU A 346 -7.94 12.85 11.77
CA LEU A 346 -7.70 13.01 13.20
C LEU A 346 -6.32 13.53 13.43
N LEU A 347 -5.39 13.17 12.53
CA LEU A 347 -4.05 13.70 12.62
C LEU A 347 -3.98 15.14 12.14
N ARG A 348 -4.90 15.49 11.24
CA ARG A 348 -5.13 16.87 10.77
C ARG A 348 -5.67 17.72 11.92
N LEU A 349 -6.69 17.21 12.60
CA LEU A 349 -7.17 17.88 13.80
C LEU A 349 -6.03 18.09 14.77
N ALA A 350 -5.27 17.03 15.05
CA ALA A 350 -4.22 17.08 16.09
C ALA A 350 -3.05 18.01 15.70
N LYS A 351 -2.73 18.07 14.43
CA LYS A 351 -1.79 19.09 13.99
C LYS A 351 -2.43 20.48 14.22
N THR A 352 -3.69 20.70 13.82
CA THR A 352 -4.37 21.98 14.10
C THR A 352 -4.30 22.41 15.59
N TYR A 353 -4.64 21.52 16.53
CA TYR A 353 -4.49 21.80 17.96
C TYR A 353 -3.09 22.33 18.33
N GLU A 354 -2.08 21.59 17.91
CA GLU A 354 -0.68 21.90 18.24
C GLU A 354 -0.31 23.33 17.88
N THR A 355 -0.56 23.64 16.61
CA THR A 355 -0.21 24.91 15.99
C THR A 355 -0.92 26.01 16.74
N THR A 356 -2.19 25.78 17.09
CA THR A 356 -2.93 26.73 17.92
C THR A 356 -2.27 27.00 19.28
N LEU A 357 -2.05 25.97 20.10
CA LEU A 357 -1.30 26.15 21.34
C LEU A 357 0.08 26.82 21.10
N GLU A 358 0.82 26.34 20.11
CA GLU A 358 2.04 27.01 19.66
C GLU A 358 1.95 28.53 19.72
N LYS A 359 0.99 29.08 18.98
CA LYS A 359 0.80 30.55 18.77
C LYS A 359 0.11 31.20 19.98
N CYS A 360 -0.87 30.51 20.53
CA CYS A 360 -1.61 30.98 21.69
C CYS A 360 -0.82 30.99 23.00
N CYS A 361 0.01 29.97 23.24
CA CYS A 361 0.73 29.87 24.49
C CYS A 361 1.89 30.82 24.51
N ALA A 362 2.17 31.37 23.32
CA ALA A 362 2.94 32.61 23.19
C ALA A 362 2.12 33.81 23.80
N ALA A 363 1.75 33.55 25.05
CA ALA A 363 1.10 34.44 26.05
C ALA A 363 0.70 35.92 25.82
N ALA A 364 -0.52 36.15 25.33
CA ALA A 364 -1.17 37.43 25.69
C ALA A 364 -2.37 37.12 26.60
N ASP A 365 -3.27 36.30 26.09
CA ASP A 365 -4.34 35.76 26.91
C ASP A 365 -4.53 34.30 26.47
N PRO A 366 -3.52 33.45 26.71
CA PRO A 366 -3.62 32.14 26.09
C PRO A 366 -5.04 31.58 26.21
N HIS A 367 -5.59 31.60 27.41
CA HIS A 367 -6.91 31.03 27.66
C HIS A 367 -7.98 31.58 26.82
N GLU A 368 -7.61 32.46 25.90
CA GLU A 368 -8.61 33.12 25.09
C GLU A 368 -8.53 32.62 23.67
N CYS A 369 -7.44 32.94 22.97
CA CYS A 369 -7.34 32.61 21.55
C CYS A 369 -7.46 31.11 21.32
N TYR A 370 -6.99 30.29 22.26
CA TYR A 370 -7.17 28.84 22.13
C TYR A 370 -8.48 28.32 22.73
N ALA A 371 -9.28 29.21 23.31
CA ALA A 371 -10.60 28.78 23.77
C ALA A 371 -11.43 28.22 22.60
N LYS A 372 -11.34 28.88 21.46
CA LYS A 372 -12.04 28.44 20.25
C LYS A 372 -11.23 27.54 19.30
N VAL A 373 -10.46 26.59 19.83
CA VAL A 373 -9.71 25.66 18.96
C VAL A 373 -10.64 24.77 18.18
N PHE A 374 -11.56 24.14 18.92
CA PHE A 374 -12.55 23.18 18.40
C PHE A 374 -13.37 23.79 17.28
N ASP A 375 -13.50 25.11 17.35
CA ASP A 375 -14.07 25.89 16.30
C ASP A 375 -13.33 25.68 14.96
N GLU A 376 -12.01 25.47 15.03
CA GLU A 376 -11.24 25.24 13.80
C GLU A 376 -11.39 23.80 13.29
N PHE A 377 -11.85 22.89 14.13
CA PHE A 377 -12.03 21.53 13.70
C PHE A 377 -13.20 21.42 12.73
N LYS A 378 -14.23 22.26 12.95
CA LYS A 378 -15.45 22.20 12.17
C LYS A 378 -15.20 22.01 10.67
N PRO A 379 -14.54 22.99 10.01
CA PRO A 379 -14.28 22.94 8.55
C PRO A 379 -13.53 21.68 8.13
N LEU A 380 -12.58 21.25 8.96
CA LEU A 380 -11.71 20.12 8.68
C LEU A 380 -12.47 18.83 8.64
N VAL A 381 -13.44 18.66 9.53
CA VAL A 381 -14.33 17.51 9.49
C VAL A 381 -15.26 17.53 8.26
N GLU A 382 -15.68 18.74 7.86
CA GLU A 382 -16.72 18.84 6.85
C GLU A 382 -16.21 18.59 5.44
N GLU A 383 -15.04 19.11 5.12
CA GLU A 383 -14.41 18.88 3.81
C GLU A 383 -14.43 17.39 3.33
N PRO A 384 -13.96 16.44 4.19
CA PRO A 384 -14.00 15.04 3.82
C PRO A 384 -15.40 14.52 3.65
N GLN A 385 -16.25 14.78 4.64
CA GLN A 385 -17.62 14.30 4.67
C GLN A 385 -18.33 14.64 3.36
N ASN A 386 -18.25 15.91 2.95
CA ASN A 386 -18.99 16.34 1.75
C ASN A 386 -18.55 15.58 0.51
N LEU A 387 -17.23 15.57 0.27
CA LEU A 387 -16.60 14.77 -0.79
C LEU A 387 -16.93 13.27 -0.74
N ILE A 388 -17.04 12.71 0.46
CA ILE A 388 -17.37 11.30 0.57
C ILE A 388 -18.80 11.04 0.15
N LYS A 389 -19.75 11.79 0.73
CA LYS A 389 -21.15 11.63 0.38
C LYS A 389 -21.31 11.86 -1.12
N GLN A 390 -20.74 12.96 -1.60
CA GLN A 390 -20.82 13.31 -3.01
C GLN A 390 -20.23 12.26 -3.95
N ASN A 391 -19.12 11.65 -3.57
CA ASN A 391 -18.49 10.77 -4.50
C ASN A 391 -19.16 9.46 -4.46
N CYS A 392 -19.77 9.17 -3.32
CA CYS A 392 -20.60 7.98 -3.22
C CYS A 392 -21.88 8.15 -4.00
N GLU A 393 -22.49 9.31 -3.88
CA GLU A 393 -23.57 9.69 -4.77
C GLU A 393 -23.20 9.45 -6.24
N LEU A 394 -22.04 9.96 -6.68
CA LEU A 394 -21.65 9.87 -8.08
C LEU A 394 -21.44 8.42 -8.51
N PHE A 395 -21.19 7.57 -7.53
CA PHE A 395 -20.80 6.23 -7.76
C PHE A 395 -22.03 5.37 -7.98
N GLU A 396 -23.12 5.74 -7.29
CA GLU A 396 -24.37 4.98 -7.34
C GLU A 396 -24.99 5.10 -8.69
N GLN A 397 -24.92 6.29 -9.26
CA GLN A 397 -25.41 6.50 -10.62
C GLN A 397 -24.54 5.72 -11.61
N LEU A 398 -23.26 5.60 -11.27
CA LEU A 398 -22.27 5.16 -12.23
C LEU A 398 -21.81 3.69 -12.14
N GLY A 399 -21.73 3.16 -10.93
CA GLY A 399 -21.08 1.85 -10.75
C GLY A 399 -19.57 2.01 -10.83
N GLU A 400 -18.84 0.90 -10.65
CA GLU A 400 -17.38 0.96 -10.44
C GLU A 400 -16.60 1.38 -11.66
N TYR A 401 -16.96 0.83 -12.81
CA TYR A 401 -16.23 1.08 -14.05
C TYR A 401 -16.46 2.49 -14.57
N LYS A 402 -17.70 2.92 -14.62
CA LYS A 402 -17.99 4.27 -15.07
C LYS A 402 -17.47 5.30 -14.09
N PHE A 403 -17.47 4.92 -12.82
CA PHE A 403 -16.90 5.74 -11.74
C PHE A 403 -15.38 5.91 -11.90
N GLN A 404 -14.71 4.83 -12.31
CA GLN A 404 -13.29 4.84 -12.67
C GLN A 404 -12.98 5.83 -13.83
N ASN A 405 -13.82 5.85 -14.86
CA ASN A 405 -13.52 6.71 -16.05
C ASN A 405 -13.58 8.17 -15.70
N ALA A 406 -14.56 8.51 -14.85
CA ALA A 406 -14.75 9.86 -14.34
C ALA A 406 -13.48 10.32 -13.61
N LEU A 407 -12.98 9.47 -12.70
CA LEU A 407 -11.72 9.72 -11.97
C LEU A 407 -10.51 9.88 -12.90
N LEU A 408 -10.41 8.95 -13.84
CA LEU A 408 -9.40 9.01 -14.88
C LEU A 408 -9.30 10.38 -15.52
N VAL A 409 -10.41 10.89 -16.03
CA VAL A 409 -10.50 12.26 -16.57
C VAL A 409 -10.15 13.27 -15.49
N ARG A 410 -10.77 13.16 -14.31
CA ARG A 410 -10.46 14.09 -13.23
C ARG A 410 -8.92 14.19 -13.02
N TYR A 411 -8.27 13.07 -12.72
CA TYR A 411 -6.84 13.14 -12.38
C TYR A 411 -5.88 13.36 -13.56
N THR A 412 -6.24 12.89 -14.73
CA THR A 412 -5.44 13.18 -15.88
C THR A 412 -5.53 14.65 -16.21
N LYS A 413 -6.71 15.25 -16.00
CA LYS A 413 -6.87 16.70 -16.16
C LYS A 413 -5.96 17.45 -15.17
N LYS A 414 -6.04 17.00 -13.93
CA LYS A 414 -5.32 17.49 -12.78
C LYS A 414 -3.83 17.52 -13.01
N VAL A 415 -3.26 16.40 -13.46
CA VAL A 415 -1.81 16.21 -13.50
C VAL A 415 -1.45 15.48 -14.77
N PRO A 416 -1.66 16.10 -15.91
CA PRO A 416 -1.53 15.45 -17.24
C PRO A 416 -0.16 14.91 -17.57
N GLN A 417 0.89 15.30 -16.85
CA GLN A 417 2.23 14.86 -17.22
C GLN A 417 2.56 13.36 -16.82
N VAL A 418 1.87 12.88 -15.78
CA VAL A 418 2.07 11.58 -15.21
C VAL A 418 1.87 10.53 -16.24
N SER A 419 2.80 9.58 -16.32
CA SER A 419 2.67 8.44 -17.24
C SER A 419 1.25 7.84 -17.35
N THR A 420 0.90 7.39 -18.53
CA THR A 420 -0.43 6.83 -18.80
C THR A 420 -0.73 5.57 -17.91
N PRO A 421 0.16 4.54 -17.99
CA PRO A 421 -0.03 3.33 -17.19
C PRO A 421 -0.23 3.65 -15.75
N THR A 422 0.55 4.56 -15.20
CA THR A 422 0.33 5.02 -13.85
C THR A 422 -1.05 5.64 -13.66
N LEU A 423 -1.48 6.50 -14.57
CA LEU A 423 -2.79 7.12 -14.35
C LEU A 423 -3.92 6.08 -14.27
N VAL A 424 -3.95 5.20 -15.28
CA VAL A 424 -4.89 4.10 -15.34
C VAL A 424 -4.89 3.27 -14.06
N GLU A 425 -3.73 2.75 -13.66
CA GLU A 425 -3.67 1.99 -12.40
C GLU A 425 -4.21 2.80 -11.20
N VAL A 426 -3.82 4.07 -11.11
CA VAL A 426 -4.18 4.88 -9.96
C VAL A 426 -5.70 5.17 -9.89
N SER A 427 -6.25 5.74 -10.97
CA SER A 427 -7.68 6.01 -11.10
C SER A 427 -8.60 4.79 -10.86
N ARG A 428 -8.21 3.63 -11.38
CA ARG A 428 -8.97 2.40 -11.14
C ARG A 428 -8.92 2.01 -9.65
N ASN A 429 -7.76 2.13 -9.01
CA ASN A 429 -7.76 1.83 -7.60
C ASN A 429 -8.50 2.88 -6.83
N LEU A 430 -8.55 4.11 -7.39
CA LEU A 430 -9.27 5.23 -6.79
C LEU A 430 -10.77 4.98 -6.85
N GLY A 431 -11.23 4.51 -8.02
CA GLY A 431 -12.64 4.11 -8.18
C GLY A 431 -13.01 2.91 -7.33
N LYS A 432 -12.04 2.09 -6.95
CA LYS A 432 -12.38 0.93 -6.14
C LYS A 432 -12.82 1.32 -4.72
N VAL A 433 -12.85 2.63 -4.43
CA VAL A 433 -13.17 3.10 -3.08
C VAL A 433 -14.68 3.00 -2.90
N GLY A 434 -15.40 3.32 -3.97
CA GLY A 434 -16.84 3.24 -3.95
C GLY A 434 -17.31 1.84 -3.56
N SER A 435 -16.69 0.82 -4.14
CA SER A 435 -17.14 -0.55 -3.87
C SER A 435 -16.89 -0.87 -2.41
N LYS A 436 -15.67 -0.66 -1.97
CA LYS A 436 -15.27 -0.93 -0.60
C LYS A 436 -16.02 -0.08 0.42
N CYS A 437 -16.30 1.18 0.10
CA CYS A 437 -16.71 2.10 1.15
C CYS A 437 -18.19 2.50 1.17
N CYS A 438 -18.71 3.00 0.06
CA CYS A 438 -20.08 3.56 0.02
C CYS A 438 -21.24 2.60 0.42
N LYS A 439 -21.04 1.31 0.18
CA LYS A 439 -21.81 0.20 0.79
C LYS A 439 -22.15 0.52 2.26
N HIS A 440 -21.13 0.90 3.03
CA HIS A 440 -21.27 1.17 4.45
C HIS A 440 -22.20 2.31 4.79
N PRO A 441 -22.74 2.30 6.01
CA PRO A 441 -23.40 3.46 6.60
C PRO A 441 -22.33 4.50 7.01
N GLU A 442 -22.70 5.78 7.09
CA GLU A 442 -21.73 6.87 7.43
C GLU A 442 -20.81 6.61 8.65
N ALA A 443 -21.28 5.77 9.59
CA ALA A 443 -20.47 5.28 10.74
C ALA A 443 -19.10 4.81 10.29
N LYS A 444 -19.08 4.09 9.17
CA LYS A 444 -17.85 3.52 8.66
C LYS A 444 -17.34 4.13 7.35
N ARG A 445 -18.07 5.09 6.78
CA ARG A 445 -17.69 5.59 5.46
C ARG A 445 -16.37 6.33 5.44
N MET A 446 -16.23 7.35 6.26
CA MET A 446 -15.06 8.21 6.19
C MET A 446 -13.70 7.52 6.44
N PRO A 447 -13.58 6.66 7.51
CA PRO A 447 -12.27 5.97 7.69
C PRO A 447 -12.00 5.14 6.47
N CYS A 448 -12.90 4.19 6.21
CA CYS A 448 -12.86 3.41 4.99
C CYS A 448 -12.34 4.23 3.83
N ALA A 449 -13.07 5.26 3.44
CA ALA A 449 -12.73 6.01 2.23
C ALA A 449 -11.45 6.87 2.28
N GLU A 450 -11.28 7.74 3.28
CA GLU A 450 -10.14 8.63 3.17
C GLU A 450 -8.83 7.91 3.51
N ASP A 451 -8.92 6.95 4.43
CA ASP A 451 -7.79 6.09 4.69
C ASP A 451 -7.39 5.22 3.50
N TYR A 452 -8.37 4.71 2.75
CA TYR A 452 -8.11 3.94 1.53
C TYR A 452 -7.38 4.79 0.48
N LEU A 453 -7.85 6.03 0.31
CA LEU A 453 -7.29 6.99 -0.64
C LEU A 453 -5.83 7.39 -0.29
N SER A 454 -5.47 7.32 1.01
CA SER A 454 -4.09 7.51 1.41
C SER A 454 -3.22 6.45 0.72
N VAL A 455 -3.62 5.19 0.91
CA VAL A 455 -2.96 4.08 0.28
C VAL A 455 -2.79 4.29 -1.24
N VAL A 456 -3.87 4.61 -1.94
CA VAL A 456 -3.83 4.75 -3.39
C VAL A 456 -3.01 5.97 -3.89
N LEU A 457 -3.10 7.08 -3.19
CA LEU A 457 -2.30 8.26 -3.58
C LEU A 457 -0.80 8.03 -3.33
N ASN A 458 -0.54 7.29 -2.24
CA ASN A 458 0.81 6.90 -1.93
C ASN A 458 1.39 6.04 -3.02
N GLN A 459 0.52 5.27 -3.69
CA GLN A 459 0.93 4.46 -4.82
C GLN A 459 1.33 5.40 -5.90
N LEU A 460 0.49 6.40 -6.20
CA LEU A 460 0.81 7.30 -7.29
C LEU A 460 2.09 8.05 -6.92
N CYS A 461 2.20 8.38 -5.64
CA CYS A 461 3.37 9.11 -5.20
C CYS A 461 4.61 8.27 -5.48
N VAL A 462 4.62 6.98 -5.11
CA VAL A 462 5.90 6.22 -5.30
C VAL A 462 6.18 5.84 -6.75
N LEU A 463 5.15 5.51 -7.48
CA LEU A 463 5.30 5.16 -8.87
C LEU A 463 5.88 6.34 -9.59
N HIS A 464 5.35 7.54 -9.31
CA HIS A 464 5.76 8.79 -9.99
C HIS A 464 7.15 9.22 -9.63
N GLU A 465 7.54 8.88 -8.40
CA GLU A 465 8.81 9.21 -7.75
C GLU A 465 9.94 8.60 -8.56
N LYS A 466 9.73 7.40 -9.10
CA LYS A 466 10.80 6.74 -9.78
C LYS A 466 11.26 7.55 -10.97
N THR A 467 10.32 8.11 -11.75
CA THR A 467 10.71 8.96 -12.89
C THR A 467 9.86 10.25 -12.97
N PRO A 468 10.20 11.22 -12.12
CA PRO A 468 9.38 12.43 -11.86
C PRO A 468 9.19 13.30 -13.09
N VAL A 469 7.95 13.78 -13.28
CA VAL A 469 7.53 14.43 -14.53
C VAL A 469 6.56 15.59 -14.27
N SER A 470 5.95 15.59 -13.08
CA SER A 470 4.96 16.62 -12.78
C SER A 470 5.16 17.30 -11.43
N ASP A 471 5.57 18.58 -11.44
CA ASP A 471 5.83 19.35 -10.20
C ASP A 471 4.69 19.33 -9.15
N ARG A 472 3.42 19.28 -9.60
CA ARG A 472 2.27 19.20 -8.67
C ARG A 472 2.13 17.84 -7.97
N VAL A 473 2.59 16.77 -8.63
CA VAL A 473 2.59 15.50 -7.94
C VAL A 473 3.69 15.51 -6.85
N THR A 474 4.91 15.86 -7.27
CA THR A 474 6.02 15.89 -6.34
C THR A 474 5.68 16.81 -5.15
N LYS A 475 5.11 17.98 -5.43
CA LYS A 475 4.71 18.91 -4.36
C LYS A 475 3.73 18.30 -3.38
N CYS A 476 2.64 17.69 -3.87
CA CYS A 476 1.65 17.03 -3.00
C CYS A 476 2.22 15.83 -2.24
N CYS A 477 3.19 15.15 -2.83
CA CYS A 477 3.77 13.99 -2.20
C CYS A 477 4.76 14.37 -1.10
N THR A 478 5.51 15.46 -1.29
CA THR A 478 6.44 16.01 -0.27
C THR A 478 5.72 16.78 0.86
N GLU A 479 4.88 17.72 0.49
CA GLU A 479 4.20 18.65 1.40
C GLU A 479 3.90 18.16 2.80
N SER A 480 3.38 16.94 2.91
CA SER A 480 2.84 16.44 4.18
C SER A 480 1.87 15.29 3.95
N LEU A 481 2.20 14.14 4.53
CA LEU A 481 1.49 12.89 4.38
C LEU A 481 0.03 13.03 4.66
N VAL A 482 -0.25 13.61 5.81
CA VAL A 482 -1.61 13.91 6.24
C VAL A 482 -2.44 14.77 5.27
N ASN A 483 -1.79 15.68 4.54
CA ASN A 483 -2.52 16.57 3.64
C ASN A 483 -2.68 16.06 2.21
N ARG A 484 -2.10 14.91 1.90
CA ARG A 484 -1.99 14.49 0.51
C ARG A 484 -3.32 14.46 -0.24
N ARG A 485 -4.35 13.88 0.36
CA ARG A 485 -5.64 13.85 -0.33
C ARG A 485 -6.22 15.23 -0.64
N PRO A 486 -6.27 16.14 0.38
CA PRO A 486 -6.76 17.49 0.15
C PRO A 486 -5.98 18.16 -0.90
N CYS A 487 -4.68 17.94 -0.88
CA CYS A 487 -3.79 18.55 -1.84
C CYS A 487 -4.17 18.12 -3.23
N PHE A 488 -4.45 16.83 -3.40
CA PHE A 488 -4.78 16.38 -4.74
C PHE A 488 -6.18 16.88 -5.15
N SER A 489 -7.12 16.80 -4.20
CA SER A 489 -8.46 17.40 -4.37
C SER A 489 -8.44 18.84 -4.89
N ALA A 490 -7.74 19.75 -4.20
CA ALA A 490 -7.81 21.19 -4.53
C ALA A 490 -7.26 21.48 -5.93
N LEU A 491 -6.59 20.49 -6.51
CA LEU A 491 -6.01 20.64 -7.84
C LEU A 491 -7.09 20.60 -8.93
N GLU A 492 -6.88 21.43 -9.94
CA GLU A 492 -7.85 21.64 -11.00
C GLU A 492 -7.06 21.52 -12.29
N VAL A 493 -7.72 21.51 -13.44
CA VAL A 493 -7.03 21.29 -14.73
C VAL A 493 -5.81 22.20 -14.92
N ASP A 494 -4.77 21.65 -15.54
CA ASP A 494 -3.49 22.37 -15.73
C ASP A 494 -3.39 23.30 -16.97
N GLU A 495 -3.21 24.60 -16.72
CA GLU A 495 -2.98 25.59 -17.80
C GLU A 495 -1.57 25.51 -18.40
N THR A 496 -0.56 25.49 -17.52
CA THR A 496 0.85 25.30 -17.91
C THR A 496 1.04 24.26 -19.01
N TYR A 497 0.39 23.11 -18.81
CA TYR A 497 0.57 21.93 -19.64
C TYR A 497 0.31 22.22 -21.12
N VAL A 498 1.31 21.92 -21.95
CA VAL A 498 1.15 22.02 -23.38
C VAL A 498 0.55 20.71 -23.85
N PRO A 499 -0.72 20.73 -24.33
CA PRO A 499 -1.44 19.54 -24.82
C PRO A 499 -0.64 18.78 -25.85
N LYS A 500 -0.77 17.45 -25.82
CA LYS A 500 0.04 16.55 -26.64
C LYS A 500 -0.45 16.65 -28.05
N GLU A 501 0.52 16.69 -28.96
CA GLU A 501 0.27 16.90 -30.37
C GLU A 501 -0.81 15.96 -30.91
N PHE A 502 -0.50 14.67 -30.94
CA PHE A 502 -1.39 13.65 -31.48
C PHE A 502 -0.60 12.48 -32.01
N ASN A 503 -1.10 11.29 -31.77
CA ASN A 503 -0.48 10.12 -32.37
C ASN A 503 -1.46 9.21 -33.05
N ALA A 504 -1.13 8.79 -34.27
CA ALA A 504 -1.88 7.76 -34.97
C ALA A 504 -1.65 6.45 -34.24
N GLU A 505 -0.40 6.16 -33.92
CA GLU A 505 -0.03 5.05 -33.03
C GLU A 505 -1.09 4.75 -31.95
N THR A 506 -1.36 5.75 -31.11
CA THR A 506 -2.03 5.56 -29.83
C THR A 506 -3.53 5.32 -29.93
N PHE A 507 -4.06 5.33 -31.15
CA PHE A 507 -5.47 5.16 -31.32
C PHE A 507 -5.89 4.08 -32.33
N THR A 508 -4.90 3.55 -33.04
CA THR A 508 -5.06 2.33 -33.84
C THR A 508 -4.94 1.13 -32.92
N PHE A 509 -5.96 0.29 -32.94
CA PHE A 509 -5.91 -0.93 -32.17
C PHE A 509 -5.77 -2.11 -33.13
N HIS A 510 -5.49 -3.27 -32.56
CA HIS A 510 -5.32 -4.50 -33.33
C HIS A 510 -6.31 -5.55 -32.91
N ALA A 511 -6.58 -6.50 -33.81
CA ALA A 511 -7.59 -7.54 -33.59
C ALA A 511 -7.45 -8.39 -32.31
N ASP A 512 -6.30 -8.33 -31.64
CA ASP A 512 -6.15 -9.04 -30.36
C ASP A 512 -7.11 -8.48 -29.29
N ILE A 513 -7.62 -7.26 -29.49
CA ILE A 513 -8.66 -6.67 -28.63
C ILE A 513 -10.01 -7.41 -28.57
N CYS A 514 -10.35 -8.16 -29.61
CA CYS A 514 -11.61 -8.87 -29.63
C CYS A 514 -11.61 -10.07 -28.72
N THR A 515 -10.46 -10.49 -28.21
CA THR A 515 -10.39 -11.72 -27.41
C THR A 515 -9.93 -11.50 -25.97
N LEU A 516 -9.93 -10.26 -25.52
CA LEU A 516 -9.38 -9.93 -24.22
C LEU A 516 -10.44 -10.09 -23.14
N SER A 517 -9.97 -10.38 -21.92
CA SER A 517 -10.86 -10.50 -20.77
C SER A 517 -11.60 -9.20 -20.64
N GLU A 518 -12.76 -9.19 -19.98
CA GLU A 518 -13.50 -7.93 -19.84
C GLU A 518 -12.58 -6.96 -19.13
N LYS A 519 -11.83 -7.49 -18.15
CA LYS A 519 -10.84 -6.71 -17.41
C LYS A 519 -9.88 -6.00 -18.33
N GLU A 520 -9.11 -6.78 -19.09
CA GLU A 520 -8.16 -6.20 -20.00
C GLU A 520 -8.79 -5.25 -21.03
N ARG A 521 -10.06 -5.43 -21.32
CA ARG A 521 -10.69 -4.60 -22.32
C ARG A 521 -10.92 -3.23 -21.70
N GLN A 522 -11.31 -3.26 -20.43
CA GLN A 522 -11.55 -2.02 -19.72
C GLN A 522 -10.34 -1.15 -19.66
N ILE A 523 -9.23 -1.76 -19.29
CA ILE A 523 -7.92 -1.14 -19.20
C ILE A 523 -7.53 -0.53 -20.58
N LYS A 524 -7.92 -1.18 -21.66
CA LYS A 524 -7.52 -0.71 -22.96
C LYS A 524 -8.33 0.56 -23.35
N LYS A 525 -9.66 0.50 -23.13
CA LYS A 525 -10.58 1.62 -23.25
C LYS A 525 -9.99 2.81 -22.43
N GLN A 526 -9.69 2.58 -21.17
CA GLN A 526 -9.23 3.59 -20.24
C GLN A 526 -7.94 4.22 -20.68
N THR A 527 -7.00 3.39 -21.13
CA THR A 527 -5.72 3.82 -21.70
C THR A 527 -5.94 4.81 -22.84
N ALA A 528 -6.84 4.47 -23.75
CA ALA A 528 -7.20 5.37 -24.85
C ALA A 528 -7.87 6.70 -24.36
N LEU A 529 -8.69 6.63 -23.31
CA LEU A 529 -9.36 7.82 -22.72
C LEU A 529 -8.31 8.76 -22.13
N VAL A 530 -7.39 8.22 -21.33
CA VAL A 530 -6.33 9.05 -20.79
C VAL A 530 -5.65 9.80 -21.95
N GLU A 531 -5.21 9.04 -22.95
CA GLU A 531 -4.44 9.57 -24.06
C GLU A 531 -5.23 10.70 -24.68
N LEU A 532 -6.49 10.41 -24.98
CA LEU A 532 -7.48 11.46 -25.29
C LEU A 532 -7.45 12.72 -24.40
N VAL A 533 -7.58 12.55 -23.08
CA VAL A 533 -7.64 13.69 -22.23
C VAL A 533 -6.33 14.43 -22.34
N LYS A 534 -5.26 13.66 -22.50
CA LYS A 534 -3.93 14.22 -22.57
C LYS A 534 -3.83 15.11 -23.80
N HIS A 535 -4.54 14.75 -24.86
CA HIS A 535 -4.51 15.53 -26.10
C HIS A 535 -5.34 16.78 -26.02
N LYS A 536 -6.48 16.68 -25.36
CA LYS A 536 -7.36 17.82 -25.24
C LYS A 536 -7.90 17.94 -23.81
N PRO A 537 -7.10 18.53 -22.92
CA PRO A 537 -7.62 18.76 -21.57
C PRO A 537 -8.54 19.96 -21.55
N LYS A 538 -8.07 21.07 -22.12
CA LYS A 538 -8.78 22.36 -22.07
C LYS A 538 -10.20 22.16 -22.58
N ALA A 539 -10.31 21.60 -23.78
CA ALA A 539 -11.61 21.28 -24.40
C ALA A 539 -11.97 19.83 -24.06
N THR A 540 -13.22 19.61 -23.64
CA THR A 540 -13.62 18.36 -23.04
C THR A 540 -15.04 18.37 -22.51
N LYS A 541 -15.99 18.81 -23.30
CA LYS A 541 -17.37 18.61 -22.91
C LYS A 541 -17.69 17.09 -22.72
N GLU A 542 -18.88 16.77 -23.24
CA GLU A 542 -19.32 15.45 -23.62
C GLU A 542 -18.61 15.03 -24.91
N GLN A 543 -17.89 15.97 -25.52
CA GLN A 543 -17.15 15.69 -26.74
C GLN A 543 -16.13 14.56 -26.55
N LEU A 544 -15.74 14.28 -25.30
CA LEU A 544 -14.93 13.09 -25.04
C LEU A 544 -15.76 11.84 -25.19
N LYS A 545 -16.98 11.83 -24.61
CA LYS A 545 -17.95 10.70 -24.69
C LYS A 545 -18.39 10.42 -26.15
N ALA A 546 -18.16 11.37 -27.04
CA ALA A 546 -18.57 11.23 -28.42
C ALA A 546 -17.46 10.47 -29.08
N VAL A 547 -16.25 11.00 -28.92
CA VAL A 547 -15.02 10.32 -29.30
C VAL A 547 -14.90 8.88 -28.75
N MET A 548 -15.06 8.68 -27.44
CA MET A 548 -15.01 7.31 -26.91
C MET A 548 -16.05 6.38 -27.50
N ASP A 549 -17.19 6.91 -27.87
CA ASP A 549 -18.25 6.13 -28.50
C ASP A 549 -17.95 5.85 -29.95
N ASP A 550 -17.25 6.77 -30.59
CA ASP A 550 -16.81 6.54 -31.96
C ASP A 550 -15.76 5.42 -31.96
N PHE A 551 -14.92 5.38 -30.93
CA PHE A 551 -13.96 4.28 -30.78
C PHE A 551 -14.65 2.93 -30.58
N ALA A 552 -15.49 2.84 -29.53
CA ALA A 552 -16.25 1.63 -29.21
C ALA A 552 -17.07 1.05 -30.38
N ALA A 553 -17.42 1.88 -31.35
CA ALA A 553 -18.29 1.48 -32.42
C ALA A 553 -17.47 0.90 -33.59
N PHE A 554 -16.33 1.54 -33.86
CA PHE A 554 -15.32 1.01 -34.75
C PHE A 554 -14.81 -0.34 -34.23
N VAL A 555 -14.59 -0.45 -32.90
CA VAL A 555 -14.25 -1.75 -32.24
C VAL A 555 -15.35 -2.83 -32.35
N GLU A 556 -16.63 -2.45 -32.19
CA GLU A 556 -17.76 -3.41 -32.40
C GLU A 556 -17.75 -3.95 -33.84
N LYS A 557 -17.65 -3.03 -34.82
CA LYS A 557 -17.64 -3.34 -36.26
C LYS A 557 -16.44 -4.19 -36.65
N CYS A 558 -15.26 -3.74 -36.23
CA CYS A 558 -14.03 -4.39 -36.59
C CYS A 558 -13.82 -5.73 -35.97
N CYS A 559 -14.34 -5.96 -34.75
CA CYS A 559 -14.33 -7.30 -34.12
C CYS A 559 -15.33 -8.29 -34.69
N LYS A 560 -16.23 -7.80 -35.55
CA LYS A 560 -17.24 -8.64 -36.17
C LYS A 560 -17.04 -8.62 -37.69
N ALA A 561 -16.03 -7.85 -38.13
CA ALA A 561 -15.64 -7.69 -39.55
C ALA A 561 -15.07 -8.94 -40.22
N ASP A 562 -14.59 -9.85 -39.38
CA ASP A 562 -13.87 -11.04 -39.78
C ASP A 562 -13.14 -11.03 -41.16
N ASP A 563 -11.89 -10.61 -41.03
CA ASP A 563 -10.92 -10.31 -42.06
C ASP A 563 -9.62 -10.50 -41.30
N LYS A 564 -8.47 -10.16 -41.90
CA LYS A 564 -7.24 -10.22 -41.14
C LYS A 564 -6.81 -8.83 -40.64
N GLU A 565 -7.45 -8.39 -39.53
CA GLU A 565 -7.16 -7.10 -38.86
C GLU A 565 -7.19 -5.92 -39.81
N THR A 566 -7.83 -6.07 -40.95
CA THR A 566 -7.82 -5.04 -41.99
C THR A 566 -8.61 -3.77 -41.58
N CYS A 567 -9.87 -3.88 -41.14
CA CYS A 567 -10.57 -2.65 -40.75
C CYS A 567 -10.06 -1.99 -39.51
N PHE A 568 -9.30 -2.70 -38.69
CA PHE A 568 -8.56 -2.01 -37.63
C PHE A 568 -7.54 -1.02 -38.19
N ALA A 569 -6.93 -1.37 -39.32
CA ALA A 569 -5.97 -0.49 -39.97
C ALA A 569 -6.58 0.48 -41.01
N GLU A 570 -7.60 0.04 -41.73
CA GLU A 570 -8.31 0.92 -42.65
C GLU A 570 -9.06 2.00 -41.90
N GLU A 571 -10.08 1.58 -41.13
CA GLU A 571 -10.88 2.49 -40.30
C GLU A 571 -10.07 3.10 -39.17
N GLY A 572 -8.83 2.65 -39.04
CA GLY A 572 -7.89 3.18 -38.06
C GLY A 572 -7.13 4.41 -38.51
N LYS A 573 -7.06 4.66 -39.81
CA LYS A 573 -6.62 5.98 -40.30
C LYS A 573 -7.85 6.90 -40.36
N LYS A 574 -8.97 6.37 -40.83
CA LYS A 574 -10.23 7.10 -40.89
C LYS A 574 -10.49 7.86 -39.61
N LEU A 575 -10.49 7.14 -38.50
CA LEU A 575 -11.03 7.68 -37.27
C LEU A 575 -10.04 8.46 -36.44
N VAL A 576 -8.75 8.10 -36.49
CA VAL A 576 -7.74 8.93 -35.84
C VAL A 576 -7.87 10.42 -36.15
N ALA A 577 -8.07 10.76 -37.43
CA ALA A 577 -8.26 12.16 -37.86
C ALA A 577 -9.60 12.75 -37.38
N ALA A 578 -10.66 11.94 -37.51
CA ALA A 578 -12.04 12.31 -37.14
C ALA A 578 -12.21 12.76 -35.70
N SER A 579 -11.38 12.25 -34.80
CA SER A 579 -11.54 12.48 -33.36
C SER A 579 -10.81 13.74 -32.89
N GLN A 580 -9.75 14.12 -33.59
CA GLN A 580 -9.11 15.43 -33.39
C GLN A 580 -10.13 16.56 -33.69
N ALA A 581 -10.89 16.39 -34.78
CA ALA A 581 -12.00 17.26 -35.14
C ALA A 581 -13.10 17.19 -34.08
N ALA A 582 -13.74 16.02 -33.95
CA ALA A 582 -14.83 15.88 -32.99
C ALA A 582 -14.34 15.34 -31.65
#